data_5Z2D
#
_entry.id   5Z2D
#
_cell.length_a   106.229
_cell.length_b   106.229
_cell.length_c   101.999
_cell.angle_alpha   90.00
_cell.angle_beta   90.00
_cell.angle_gamma   120.00
#
_symmetry.space_group_name_H-M   'P 64 2 2'
#
loop_
_entity.id
_entity.type
_entity.pdbx_description
1 polymer 'dihydrodipicolinate reductase'
2 water water
#
_entity_poly.entity_id   1
_entity_poly.type   'polypeptide(L)'
_entity_poly.pdbx_seq_one_letter_code
;MIRVAIGGPRGKMGQEAVHTVMNNENMELVAVLDHKDIGDLLSESPNFPASYEVPVFLNLESLIVTIKPDVFLDLTTPHQ
VFEHTMLCLQNNVRPVIGTTGFTDEQLQQCTILAEVNKLGCIVAPNFAIGAVLMMKFASLAAAYFPDVEIIEMHHDQKLD
APSGTAYKTAQMIAEVRPSHKQGHPNEKETLEGARGASYDGIPIHSVRLPGLIAHQQILFGGEGQLFTLRHDSYNRQSFM
SGVTFSINQVMEIKELVYGLENIL
;
_entity_poly.pdbx_strand_id   A
#
# COMPACT_ATOMS: atom_id res chain seq x y z
N MET A 1 -9.48 13.23 18.70
CA MET A 1 -9.08 11.80 19.03
C MET A 1 -9.70 10.92 18.03
N ILE A 2 -9.01 9.84 17.59
CA ILE A 2 -9.62 8.97 16.61
C ILE A 2 -9.56 7.54 17.18
N ARG A 3 -10.73 6.94 17.32
CA ARG A 3 -10.91 5.60 17.83
C ARG A 3 -10.85 4.63 16.65
N VAL A 4 -9.81 3.75 16.68
CA VAL A 4 -9.46 2.89 15.54
C VAL A 4 -9.70 1.44 15.85
N ALA A 5 -10.34 0.70 14.95
CA ALA A 5 -10.36 -0.75 15.03
C ALA A 5 -9.53 -1.32 13.89
N ILE A 6 -8.82 -2.43 14.14
CA ILE A 6 -7.93 -3.07 13.17
C ILE A 6 -8.39 -4.45 12.83
N GLY A 7 -8.53 -4.66 11.53
CA GLY A 7 -8.78 -5.98 11.03
C GLY A 7 -7.53 -6.71 10.61
N GLY A 8 -7.29 -7.87 11.22
CA GLY A 8 -6.09 -8.67 10.93
C GLY A 8 -4.88 -8.24 11.73
N PRO A 9 -4.99 -8.21 13.06
CA PRO A 9 -3.91 -7.68 13.88
C PRO A 9 -2.70 -8.56 14.02
N ARG A 10 -2.82 -9.86 13.74
CA ARG A 10 -1.71 -10.75 13.84
C ARG A 10 -0.86 -10.92 12.57
N GLY A 11 -1.29 -10.35 11.47
CA GLY A 11 -0.57 -10.36 10.18
C GLY A 11 0.72 -9.58 10.28
N LYS A 12 1.60 -9.78 9.31
CA LYS A 12 2.86 -9.03 9.32
C LYS A 12 2.61 -7.52 9.35
N MET A 13 1.70 -7.03 8.48
CA MET A 13 1.37 -5.62 8.49
C MET A 13 0.59 -5.29 9.77
N GLY A 14 -0.38 -6.13 10.10
CA GLY A 14 -1.20 -5.88 11.31
C GLY A 14 -0.42 -5.69 12.61
N GLN A 15 0.59 -6.48 12.91
CA GLN A 15 1.29 -6.35 14.15
C GLN A 15 1.97 -4.98 14.24
N GLU A 16 2.49 -4.52 13.10
CA GLU A 16 3.10 -3.16 13.06
C GLU A 16 2.04 -2.06 13.26
N ALA A 17 0.89 -2.23 12.63
CA ALA A 17 -0.16 -1.28 12.72
C ALA A 17 -0.73 -1.19 14.13
N VAL A 18 -0.89 -2.32 14.80
CA VAL A 18 -1.27 -2.32 16.23
C VAL A 18 -0.33 -1.41 17.02
N HIS A 19 0.97 -1.65 16.90
CA HIS A 19 1.98 -0.84 17.61
C HIS A 19 1.81 0.65 17.26
N THR A 20 1.70 0.96 15.98
CA THR A 20 1.64 2.34 15.49
C THR A 20 0.43 3.07 16.03
N VAL A 21 -0.71 2.42 15.94
CA VAL A 21 -1.96 3.03 16.44
C VAL A 21 -1.85 3.22 17.94
N MET A 22 -1.32 2.24 18.68
CA MET A 22 -1.24 2.36 20.16
C MET A 22 -0.31 3.48 20.56
N ASN A 23 0.70 3.74 19.72
CA ASN A 23 1.71 4.75 20.09
C ASN A 23 1.42 6.13 19.49
N ASN A 24 0.43 6.31 18.63
CA ASN A 24 0.09 7.64 18.08
C ASN A 24 -0.75 8.39 19.11
N GLU A 25 -0.32 9.60 19.45
CA GLU A 25 -0.91 10.29 20.62
C GLU A 25 -2.38 10.54 20.46
N ASN A 26 -2.86 10.81 19.24
CA ASN A 26 -4.22 11.11 18.98
C ASN A 26 -5.10 9.94 18.54
N MET A 27 -4.62 8.69 18.66
CA MET A 27 -5.37 7.51 18.29
C MET A 27 -5.50 6.62 19.51
N GLU A 28 -6.59 5.87 19.53
CA GLU A 28 -6.82 4.83 20.50
C GLU A 28 -7.26 3.56 19.76
N LEU A 29 -6.58 2.49 20.02
CA LEU A 29 -6.99 1.17 19.49
C LEU A 29 -8.14 0.66 20.39
N VAL A 30 -9.32 0.50 19.79
CA VAL A 30 -10.54 0.19 20.53
C VAL A 30 -11.11 -1.20 20.31
N ALA A 31 -10.60 -1.93 19.33
CA ALA A 31 -11.06 -3.27 18.99
C ALA A 31 -10.27 -3.85 17.85
N VAL A 32 -10.28 -5.19 17.75
CA VAL A 32 -9.74 -5.87 16.60
C VAL A 32 -10.73 -6.86 16.04
N LEU A 33 -10.66 -7.06 14.74
CA LEU A 33 -11.42 -8.11 14.06
C LEU A 33 -10.42 -9.18 13.76
N ASP A 34 -10.61 -10.35 14.33
CA ASP A 34 -9.66 -11.40 14.20
C ASP A 34 -10.31 -12.84 14.36
N HIS A 35 -9.67 -13.79 13.69
CA HIS A 35 -9.96 -15.22 13.90
C HIS A 35 -8.86 -16.06 13.33
N LYS A 36 -8.64 -17.19 13.97
CA LYS A 36 -7.54 -18.07 13.63
C LYS A 36 -8.06 -19.29 12.79
N ASP A 37 -7.16 -19.99 12.20
CA ASP A 37 -7.52 -21.27 11.53
C ASP A 37 -7.89 -22.30 12.60
N ILE A 38 -8.88 -23.17 12.29
CA ILE A 38 -9.35 -24.13 13.25
C ILE A 38 -8.24 -25.10 13.73
N GLY A 39 -7.15 -25.19 12.97
CA GLY A 39 -6.03 -26.13 13.22
C GLY A 39 -4.81 -25.50 13.89
N ASP A 40 -4.93 -24.21 14.20
CA ASP A 40 -3.80 -23.43 14.78
C ASP A 40 -3.63 -23.83 16.23
N LEU A 41 -2.48 -24.47 16.54
CA LEU A 41 -2.15 -24.77 17.92
C LEU A 41 -1.80 -23.44 18.60
N LEU A 42 -2.36 -23.19 19.78
CA LEU A 42 -2.02 -21.92 20.49
C LEU A 42 -0.51 -21.79 20.75
N SER A 43 0.14 -22.97 20.97
CA SER A 43 1.59 -23.05 21.14
C SER A 43 2.37 -22.45 19.94
N GLU A 44 1.92 -22.73 18.74
CA GLU A 44 2.55 -22.18 17.55
C GLU A 44 2.01 -20.78 17.30
N SER A 45 0.68 -20.61 17.39
CA SER A 45 0.00 -19.40 16.89
C SER A 45 -0.88 -18.82 18.00
N PRO A 46 -0.30 -17.98 18.90
CA PRO A 46 -1.08 -17.41 19.99
C PRO A 46 -2.27 -16.53 19.52
N ASN A 47 -3.28 -16.47 20.37
CA ASN A 47 -4.42 -15.58 20.22
C ASN A 47 -3.92 -14.14 20.33
N PHE A 48 -4.63 -13.19 19.74
CA PHE A 48 -4.33 -11.79 20.03
C PHE A 48 -4.53 -11.61 21.56
N PRO A 49 -3.63 -10.89 22.24
CA PRO A 49 -3.69 -10.93 23.72
C PRO A 49 -4.97 -10.26 24.31
N ALA A 50 -5.53 -10.86 25.38
CA ALA A 50 -6.84 -10.46 25.89
C ALA A 50 -6.60 -9.19 26.66
N SER A 51 -7.44 -8.20 26.42
CA SER A 51 -7.44 -6.97 27.25
C SER A 51 -8.84 -6.39 27.29
N TYR A 52 -9.11 -5.64 28.37
CA TYR A 52 -10.34 -4.88 28.41
C TYR A 52 -10.43 -3.75 27.39
N GLU A 53 -9.27 -3.19 27.10
CA GLU A 53 -9.23 -2.03 26.21
C GLU A 53 -9.46 -2.33 24.75
N VAL A 54 -9.06 -3.51 24.35
CA VAL A 54 -9.07 -4.00 22.93
C VAL A 54 -9.73 -5.36 22.83
N PRO A 55 -11.08 -5.35 22.82
CA PRO A 55 -11.78 -6.61 22.62
C PRO A 55 -11.63 -7.15 21.20
N VAL A 56 -11.78 -8.46 21.11
CA VAL A 56 -11.59 -9.16 19.86
C VAL A 56 -12.97 -9.58 19.38
N PHE A 57 -13.26 -9.27 18.13
CA PHE A 57 -14.53 -9.66 17.47
C PHE A 57 -14.23 -10.59 16.29
N LEU A 58 -15.20 -11.50 16.06
CA LEU A 58 -15.08 -12.38 14.92
C LEU A 58 -15.84 -11.81 13.73
N ASN A 59 -16.81 -10.97 13.92
CA ASN A 59 -17.38 -10.33 12.74
C ASN A 59 -17.58 -8.82 12.90
N LEU A 60 -17.45 -8.18 11.77
CA LEU A 60 -17.35 -6.73 11.73
C LEU A 60 -18.65 -6.04 12.14
N GLU A 61 -19.81 -6.68 11.81
CA GLU A 61 -21.13 -6.17 12.15
C GLU A 61 -21.16 -5.96 13.64
N SER A 62 -20.75 -6.99 14.36
CA SER A 62 -20.73 -7.01 15.80
C SER A 62 -19.76 -6.00 16.45
N LEU A 63 -18.62 -5.86 15.81
CA LEU A 63 -17.65 -4.87 16.25
C LEU A 63 -18.24 -3.50 16.14
N ILE A 64 -18.79 -3.20 14.98
CA ILE A 64 -19.25 -1.85 14.70
C ILE A 64 -20.38 -1.41 15.70
N VAL A 65 -21.35 -2.29 15.92
CA VAL A 65 -22.47 -1.86 16.81
C VAL A 65 -22.07 -1.72 18.26
N THR A 66 -21.14 -2.55 18.74
CA THR A 66 -20.67 -2.50 20.10
C THR A 66 -19.68 -1.40 20.39
N ILE A 67 -18.74 -1.19 19.47
CA ILE A 67 -17.63 -0.26 19.69
C ILE A 67 -17.79 1.14 18.98
N LYS A 68 -18.48 1.16 17.85
CA LYS A 68 -18.74 2.36 17.03
C LYS A 68 -17.43 3.10 16.79
N PRO A 69 -16.45 2.38 16.21
CA PRO A 69 -15.18 3.07 15.93
C PRO A 69 -15.30 4.17 14.92
N ASP A 70 -14.40 5.16 15.03
CA ASP A 70 -14.34 6.20 14.01
C ASP A 70 -13.82 5.67 12.67
N VAL A 71 -12.82 4.81 12.76
CA VAL A 71 -12.00 4.29 11.61
C VAL A 71 -11.82 2.80 11.77
N PHE A 72 -11.99 2.08 10.65
CA PHE A 72 -11.66 0.69 10.54
C PHE A 72 -10.51 0.54 9.56
N LEU A 73 -9.41 0.00 10.04
CA LEU A 73 -8.20 -0.25 9.23
C LEU A 73 -8.19 -1.72 8.85
N ASP A 74 -8.46 -2.00 7.59
CA ASP A 74 -8.58 -3.35 7.10
C ASP A 74 -7.30 -3.92 6.53
N LEU A 75 -6.70 -4.83 7.28
CA LEU A 75 -5.45 -5.48 6.90
C LEU A 75 -5.71 -6.96 6.74
N THR A 76 -6.88 -7.28 6.20
CA THR A 76 -7.31 -8.68 6.02
C THR A 76 -6.87 -9.24 4.64
N THR A 77 -7.80 -9.65 3.81
CA THR A 77 -7.50 -10.24 2.52
C THR A 77 -8.36 -9.66 1.41
N PRO A 78 -7.93 -9.81 0.16
CA PRO A 78 -8.69 -9.27 -0.99
C PRO A 78 -10.08 -9.78 -1.09
N HIS A 79 -10.34 -11.05 -0.68
CA HIS A 79 -11.72 -11.57 -0.72
C HIS A 79 -12.73 -10.93 0.24
N GLN A 80 -12.26 -10.20 1.29
CA GLN A 80 -13.09 -9.69 2.33
C GLN A 80 -13.28 -8.16 2.22
N VAL A 81 -12.46 -7.43 1.46
CA VAL A 81 -12.45 -5.98 1.55
C VAL A 81 -13.74 -5.31 1.08
N PHE A 82 -14.35 -5.86 0.04
CA PHE A 82 -15.58 -5.21 -0.44
C PHE A 82 -16.71 -5.22 0.58
N GLU A 83 -17.00 -6.39 1.16
CA GLU A 83 -18.06 -6.49 2.15
C GLU A 83 -17.75 -5.66 3.40
N HIS A 84 -16.47 -5.66 3.79
CA HIS A 84 -16.09 -4.82 4.93
C HIS A 84 -16.27 -3.32 4.60
N THR A 85 -15.82 -2.88 3.44
CA THR A 85 -15.89 -1.48 3.08
C THR A 85 -17.37 -1.01 3.02
N MET A 86 -18.21 -1.81 2.40
CA MET A 86 -19.66 -1.48 2.31
C MET A 86 -20.31 -1.41 3.65
N LEU A 87 -20.00 -2.33 4.52
CA LEU A 87 -20.55 -2.32 5.85
C LEU A 87 -20.15 -1.08 6.63
N CYS A 88 -18.83 -0.73 6.63
CA CYS A 88 -18.42 0.53 7.23
C CYS A 88 -19.20 1.75 6.70
N LEU A 89 -19.24 1.86 5.38
CA LEU A 89 -19.75 3.04 4.74
C LEU A 89 -21.28 3.21 5.01
N GLN A 90 -21.96 2.11 5.32
CA GLN A 90 -23.37 2.25 5.72
C GLN A 90 -23.61 2.49 7.18
N ASN A 91 -22.56 2.44 8.02
CA ASN A 91 -22.60 2.53 9.43
C ASN A 91 -21.76 3.66 9.99
N ASN A 92 -21.45 4.66 9.17
CA ASN A 92 -20.78 5.86 9.62
C ASN A 92 -19.37 5.51 10.19
N VAL A 93 -18.75 4.50 9.60
CA VAL A 93 -17.33 4.21 9.94
C VAL A 93 -16.53 4.45 8.69
N ARG A 94 -15.40 5.17 8.88
CA ARG A 94 -14.46 5.46 7.77
C ARG A 94 -13.52 4.27 7.57
N PRO A 95 -13.59 3.61 6.43
CA PRO A 95 -12.69 2.48 6.20
C PRO A 95 -11.36 2.95 5.55
N VAL A 96 -10.29 2.43 6.07
CA VAL A 96 -8.97 2.58 5.47
C VAL A 96 -8.50 1.18 5.10
N ILE A 97 -8.37 0.93 3.80
CA ILE A 97 -8.17 -0.42 3.29
C ILE A 97 -6.73 -0.62 2.75
N GLY A 98 -5.95 -1.56 3.32
CA GLY A 98 -4.66 -1.88 2.74
C GLY A 98 -4.84 -3.09 1.88
N THR A 99 -4.95 -2.96 0.56
CA THR A 99 -5.23 -4.16 -0.25
C THR A 99 -4.81 -4.02 -1.70
N THR A 100 -4.65 -5.18 -2.33
CA THR A 100 -4.45 -5.27 -3.79
C THR A 100 -5.84 -5.46 -4.39
N GLY A 101 -6.88 -5.59 -3.55
CA GLY A 101 -8.22 -5.91 -4.03
C GLY A 101 -9.09 -4.84 -4.70
N PHE A 102 -10.38 -5.29 -4.82
CA PHE A 102 -11.59 -4.71 -5.38
C PHE A 102 -11.67 -4.99 -6.88
N THR A 103 -12.84 -5.37 -7.36
CA THR A 103 -13.14 -5.30 -8.80
C THR A 103 -13.51 -3.89 -9.14
N ASP A 104 -13.54 -3.59 -10.46
CA ASP A 104 -14.05 -2.32 -10.97
C ASP A 104 -15.44 -1.99 -10.42
N GLU A 105 -16.34 -2.96 -10.52
CA GLU A 105 -17.75 -2.81 -10.13
C GLU A 105 -17.87 -2.61 -8.61
N GLN A 106 -17.13 -3.42 -7.87
CA GLN A 106 -17.11 -3.25 -6.39
C GLN A 106 -16.60 -1.87 -5.99
N LEU A 107 -15.50 -1.42 -6.59
CA LEU A 107 -14.98 -0.13 -6.23
C LEU A 107 -15.96 1.00 -6.59
N GLN A 108 -16.74 0.83 -7.65
CA GLN A 108 -17.66 1.88 -8.05
C GLN A 108 -18.83 1.92 -7.03
N GLN A 109 -19.27 0.81 -6.53
CA GLN A 109 -20.30 0.80 -5.48
C GLN A 109 -19.81 1.49 -4.20
N CYS A 110 -18.59 1.14 -3.77
CA CYS A 110 -18.00 1.86 -2.61
C CYS A 110 -17.87 3.37 -2.83
N THR A 111 -17.45 3.78 -4.04
CA THR A 111 -17.15 5.19 -4.37
C THR A 111 -18.46 5.96 -4.25
N ILE A 112 -19.53 5.37 -4.86
CA ILE A 112 -20.80 6.06 -4.85
C ILE A 112 -21.40 6.17 -3.51
N LEU A 113 -21.27 5.13 -2.68
CA LEU A 113 -21.82 5.17 -1.38
C LEU A 113 -21.07 6.12 -0.46
N ALA A 114 -19.73 6.11 -0.53
CA ALA A 114 -18.99 7.12 0.25
C ALA A 114 -19.42 8.53 -0.12
N GLU A 115 -19.58 8.79 -1.42
CA GLU A 115 -19.98 10.14 -1.90
C GLU A 115 -21.34 10.57 -1.35
N VAL A 116 -22.34 9.73 -1.50
CA VAL A 116 -23.70 10.09 -0.97
C VAL A 116 -23.77 10.27 0.56
N ASN A 117 -22.96 9.51 1.35
CA ASN A 117 -22.94 9.60 2.75
C ASN A 117 -21.93 10.64 3.28
N LYS A 118 -21.22 11.27 2.36
CA LYS A 118 -20.19 12.28 2.69
C LYS A 118 -19.23 11.70 3.72
N LEU A 119 -18.71 10.50 3.41
CA LEU A 119 -17.90 9.80 4.38
C LEU A 119 -16.59 9.42 3.65
N GLY A 120 -15.47 9.62 4.34
CA GLY A 120 -14.16 9.35 3.71
C GLY A 120 -13.86 7.86 3.62
N CYS A 121 -13.09 7.44 2.62
CA CYS A 121 -12.58 6.11 2.52
C CYS A 121 -11.27 6.23 1.82
N ILE A 122 -10.24 5.59 2.34
CA ILE A 122 -8.96 5.54 1.60
C ILE A 122 -8.63 4.12 1.31
N VAL A 123 -8.31 3.80 0.05
CA VAL A 123 -7.82 2.47 -0.36
C VAL A 123 -6.35 2.70 -0.76
N ALA A 124 -5.46 2.03 -0.05
CA ALA A 124 -4.01 2.20 -0.21
C ALA A 124 -3.37 0.86 -0.58
N PRO A 125 -3.09 0.64 -1.84
CA PRO A 125 -2.27 -0.54 -2.25
C PRO A 125 -0.78 -0.46 -1.81
N ASN A 126 -0.35 0.72 -1.40
CA ASN A 126 1.02 0.91 -0.86
C ASN A 126 0.96 2.01 0.17
N PHE A 127 1.13 1.59 1.40
CA PHE A 127 1.17 2.55 2.53
C PHE A 127 2.49 3.29 2.72
N ALA A 128 3.57 2.84 2.11
CA ALA A 128 4.85 3.43 2.47
C ALA A 128 4.97 4.81 1.80
N ILE A 129 4.98 5.90 2.58
CA ILE A 129 4.98 7.22 1.99
C ILE A 129 6.21 7.45 1.11
N GLY A 130 7.37 6.90 1.51
CA GLY A 130 8.58 7.09 0.66
C GLY A 130 8.49 6.46 -0.69
N ALA A 131 7.84 5.30 -0.74
CA ALA A 131 7.61 4.64 -2.01
C ALA A 131 6.63 5.39 -2.87
N VAL A 132 5.54 5.86 -2.24
CA VAL A 132 4.54 6.55 -3.00
C VAL A 132 5.06 7.90 -3.50
N LEU A 133 5.77 8.63 -2.66
CA LEU A 133 6.40 9.90 -3.16
C LEU A 133 7.39 9.62 -4.23
N MET A 134 8.17 8.56 -4.09
CA MET A 134 9.10 8.19 -5.19
C MET A 134 8.35 8.12 -6.53
N MET A 135 7.21 7.39 -6.52
CA MET A 135 6.48 7.21 -7.74
C MET A 135 5.78 8.48 -8.25
N LYS A 136 5.19 9.21 -7.32
CA LYS A 136 4.50 10.44 -7.68
C LYS A 136 5.49 11.44 -8.28
N PHE A 137 6.60 11.60 -7.58
CA PHE A 137 7.64 12.54 -8.09
C PHE A 137 8.25 12.07 -9.38
N ALA A 138 8.42 10.76 -9.59
CA ALA A 138 8.97 10.29 -10.86
C ALA A 138 8.04 10.62 -12.03
N SER A 139 6.76 10.52 -11.78
CA SER A 139 5.79 10.79 -12.83
C SER A 139 5.81 12.28 -13.19
N LEU A 140 6.04 13.18 -12.23
CA LEU A 140 6.20 14.68 -12.50
C LEU A 140 7.51 14.93 -13.21
N ALA A 141 8.57 14.26 -12.76
CA ALA A 141 9.88 14.44 -13.39
C ALA A 141 9.95 13.96 -14.86
N ALA A 142 9.15 12.92 -15.18
CA ALA A 142 9.19 12.37 -16.52
C ALA A 142 8.67 13.35 -17.57
N ALA A 143 7.98 14.42 -17.15
CA ALA A 143 7.64 15.51 -18.12
C ALA A 143 8.86 16.28 -18.65
N TYR A 144 9.99 16.24 -17.90
CA TYR A 144 11.22 16.93 -18.23
C TYR A 144 12.34 16.06 -18.62
N PHE A 145 12.34 14.81 -18.14
CA PHE A 145 13.38 13.82 -18.42
C PHE A 145 12.69 12.58 -18.93
N PRO A 146 12.49 12.51 -20.27
CA PRO A 146 11.75 11.34 -20.73
C PRO A 146 12.57 10.00 -20.73
N ASP A 147 13.90 10.04 -20.56
CA ASP A 147 14.73 8.82 -20.60
C ASP A 147 14.94 8.45 -19.14
N VAL A 148 14.45 7.25 -18.81
CA VAL A 148 14.47 6.82 -17.40
C VAL A 148 14.69 5.31 -17.33
N GLU A 149 15.33 4.87 -16.27
CA GLU A 149 15.41 3.44 -15.96
C GLU A 149 15.05 3.18 -14.49
N ILE A 150 14.54 1.98 -14.22
CA ILE A 150 14.17 1.57 -12.85
C ILE A 150 15.04 0.41 -12.45
N ILE A 151 15.65 0.50 -11.29
CA ILE A 151 16.41 -0.63 -10.70
C ILE A 151 15.76 -0.93 -9.36
N GLU A 152 15.34 -2.22 -9.18
CA GLU A 152 14.66 -2.59 -7.94
C GLU A 152 15.48 -3.71 -7.37
N MET A 153 15.62 -3.73 -6.02
CA MET A 153 16.47 -4.70 -5.40
C MET A 153 15.75 -5.28 -4.19
N HIS A 154 15.76 -6.62 -4.08
CA HIS A 154 15.03 -7.27 -3.01
C HIS A 154 15.88 -8.42 -2.54
N HIS A 155 15.51 -8.96 -1.39
CA HIS A 155 16.06 -10.22 -0.93
C HIS A 155 15.94 -11.33 -1.92
N ASP A 156 16.73 -12.40 -1.73
CA ASP A 156 16.77 -13.48 -2.68
C ASP A 156 15.77 -14.63 -2.43
N GLN A 157 14.80 -14.41 -1.56
CA GLN A 157 13.62 -15.29 -1.48
C GLN A 157 12.42 -14.86 -2.30
N LYS A 158 12.51 -13.66 -2.96
CA LYS A 158 11.36 -13.15 -3.68
C LYS A 158 11.10 -13.88 -4.95
N LEU A 159 9.84 -14.24 -5.17
CA LEU A 159 9.51 -15.06 -6.29
C LEU A 159 9.21 -14.36 -7.61
N ASP A 160 8.87 -13.08 -7.56
CA ASP A 160 8.43 -12.40 -8.80
C ASP A 160 9.42 -11.29 -9.19
N ALA A 161 9.77 -11.23 -10.45
CA ALA A 161 10.55 -10.10 -11.00
C ALA A 161 9.92 -9.64 -12.29
N PRO A 162 9.71 -8.35 -12.44
CA PRO A 162 9.97 -7.31 -11.46
C PRO A 162 8.91 -7.22 -10.36
N SER A 163 9.25 -6.50 -9.31
CA SER A 163 8.36 -6.26 -8.20
C SER A 163 7.10 -5.52 -8.60
N GLY A 164 6.08 -5.69 -7.76
CA GLY A 164 4.88 -4.89 -7.99
C GLY A 164 5.08 -3.39 -7.94
N THR A 165 5.94 -2.93 -7.06
CA THR A 165 6.21 -1.51 -6.97
C THR A 165 6.89 -1.03 -8.22
N ALA A 166 7.81 -1.86 -8.80
CA ALA A 166 8.42 -1.40 -10.06
C ALA A 166 7.42 -1.32 -11.19
N TYR A 167 6.55 -2.29 -11.27
CA TYR A 167 5.50 -2.28 -12.32
C TYR A 167 4.60 -1.03 -12.13
N LYS A 168 4.17 -0.78 -10.90
CA LYS A 168 3.32 0.42 -10.63
C LYS A 168 4.04 1.72 -10.98
N THR A 169 5.33 1.77 -10.65
CA THR A 169 6.18 2.94 -10.94
C THR A 169 6.21 3.17 -12.41
N ALA A 170 6.44 2.09 -13.17
CA ALA A 170 6.51 2.20 -14.62
C ALA A 170 5.16 2.62 -15.20
N GLN A 171 4.05 2.13 -14.66
CA GLN A 171 2.73 2.54 -15.12
C GLN A 171 2.46 4.02 -14.86
N MET A 172 2.84 4.51 -13.68
CA MET A 172 2.70 5.92 -13.36
C MET A 172 3.51 6.80 -14.24
N ILE A 173 4.78 6.45 -14.44
CA ILE A 173 5.62 7.22 -15.36
C ILE A 173 5.03 7.23 -16.77
N ALA A 174 4.50 6.09 -17.20
CA ALA A 174 4.00 6.01 -18.59
C ALA A 174 2.73 6.85 -18.82
N GLU A 175 2.08 7.31 -17.79
CA GLU A 175 0.96 8.25 -17.93
C GLU A 175 1.43 9.61 -18.50
N VAL A 176 2.70 9.96 -18.26
CA VAL A 176 3.30 11.23 -18.60
C VAL A 176 4.35 11.16 -19.69
N ARG A 177 5.21 10.17 -19.61
CA ARG A 177 6.31 9.98 -20.53
C ARG A 177 5.84 9.53 -21.92
N PRO A 178 6.31 10.18 -22.97
CA PRO A 178 5.89 9.71 -24.31
C PRO A 178 6.49 8.34 -24.54
N SER A 179 5.70 7.47 -25.15
CA SER A 179 6.15 6.11 -25.41
C SER A 179 7.30 6.03 -26.35
N HIS A 180 8.44 5.51 -25.89
CA HIS A 180 9.62 5.32 -26.72
C HIS A 180 10.56 4.31 -26.12
N LYS A 181 11.30 3.69 -26.97
CA LYS A 181 12.44 2.84 -26.48
C LYS A 181 13.72 3.61 -26.30
N GLN A 182 14.68 3.05 -25.56
CA GLN A 182 15.84 3.75 -25.17
C GLN A 182 17.07 2.96 -25.50
N GLY A 183 18.22 3.63 -25.53
CA GLY A 183 19.42 2.85 -25.96
C GLY A 183 19.60 3.09 -27.46
N HIS A 184 20.80 2.93 -27.94
CA HIS A 184 21.04 3.12 -29.38
C HIS A 184 20.21 2.16 -30.18
N PRO A 185 19.58 2.60 -31.27
CA PRO A 185 18.81 1.66 -32.10
C PRO A 185 19.53 0.43 -32.59
N ASN A 186 20.83 0.52 -32.78
CA ASN A 186 21.63 -0.61 -33.17
C ASN A 186 22.30 -1.39 -32.03
N GLU A 187 21.97 -1.10 -30.76
CA GLU A 187 22.63 -1.84 -29.70
C GLU A 187 22.28 -3.28 -29.75
N LYS A 188 23.19 -4.19 -29.32
CA LYS A 188 22.83 -5.59 -29.32
C LYS A 188 23.42 -6.19 -28.04
N GLU A 189 22.60 -7.03 -27.42
CA GLU A 189 23.06 -7.83 -26.30
C GLU A 189 23.97 -8.94 -26.76
N THR A 190 25.14 -9.03 -26.16
CA THR A 190 25.94 -10.21 -26.39
C THR A 190 25.74 -11.31 -25.30
N LEU A 191 25.16 -10.94 -24.15
CA LEU A 191 24.73 -11.89 -23.12
C LEU A 191 23.27 -11.59 -22.91
N GLU A 192 22.41 -12.55 -23.26
CA GLU A 192 20.98 -12.32 -23.31
C GLU A 192 20.49 -11.78 -21.99
N GLY A 193 19.68 -10.72 -22.04
CA GLY A 193 19.08 -10.14 -20.86
C GLY A 193 19.75 -8.96 -20.25
N ALA A 194 20.93 -8.60 -20.74
CA ALA A 194 21.74 -7.53 -20.09
C ALA A 194 20.93 -6.20 -19.91
N ARG A 195 20.16 -5.89 -20.98
CA ARG A 195 19.36 -4.63 -20.94
C ARG A 195 18.12 -4.65 -20.14
N GLY A 196 17.80 -5.76 -19.49
CA GLY A 196 16.64 -5.81 -18.64
C GLY A 196 15.32 -6.05 -19.33
N ALA A 197 14.27 -5.83 -18.56
CA ALA A 197 12.89 -5.92 -19.03
C ALA A 197 12.49 -4.54 -19.58
N SER A 198 11.36 -4.45 -20.27
CA SER A 198 10.92 -3.12 -20.82
C SER A 198 9.41 -3.01 -20.43
N TYR A 199 8.96 -1.86 -19.92
CA TYR A 199 7.58 -1.58 -19.81
C TYR A 199 7.30 -0.30 -20.56
N ASP A 200 6.57 -0.38 -21.69
CA ASP A 200 6.40 0.86 -22.52
C ASP A 200 7.70 1.52 -22.90
N GLY A 201 8.75 0.69 -23.05
CA GLY A 201 10.08 1.19 -23.44
C GLY A 201 10.97 1.56 -22.21
N ILE A 202 10.42 1.58 -21.03
CA ILE A 202 11.16 1.84 -19.83
C ILE A 202 11.93 0.61 -19.35
N PRO A 203 13.25 0.67 -19.27
CA PRO A 203 13.93 -0.53 -18.82
C PRO A 203 13.74 -0.74 -17.33
N ILE A 204 13.64 -2.00 -16.92
CA ILE A 204 13.48 -2.35 -15.50
C ILE A 204 14.45 -3.52 -15.22
N HIS A 205 15.24 -3.33 -14.18
CA HIS A 205 16.24 -4.33 -13.75
C HIS A 205 15.91 -4.77 -12.33
N SER A 206 16.10 -6.07 -12.05
CA SER A 206 15.75 -6.73 -10.75
C SER A 206 16.98 -7.43 -10.16
N VAL A 207 17.40 -6.94 -9.00
CA VAL A 207 18.53 -7.44 -8.19
C VAL A 207 17.94 -8.29 -7.01
N ARG A 208 18.56 -9.43 -6.74
CA ARG A 208 18.07 -10.43 -5.73
C ARG A 208 19.23 -10.94 -4.93
N LEU A 209 19.44 -10.38 -3.72
CA LEU A 209 20.58 -10.78 -2.96
C LEU A 209 20.19 -10.97 -1.51
N PRO A 210 20.91 -11.89 -0.84
CA PRO A 210 20.80 -11.92 0.62
C PRO A 210 21.26 -10.64 1.25
N GLY A 211 20.58 -10.20 2.32
CA GLY A 211 20.97 -9.01 2.95
C GLY A 211 20.04 -7.87 2.61
N LEU A 212 19.64 -7.80 1.35
CA LEU A 212 18.68 -6.76 0.91
C LEU A 212 17.27 -7.01 1.44
N ILE A 213 16.50 -5.92 1.55
CA ILE A 213 15.11 -6.05 1.97
C ILE A 213 14.21 -5.64 0.77
N ALA A 214 13.95 -4.33 0.64
CA ALA A 214 13.21 -3.81 -0.48
C ALA A 214 13.69 -2.41 -0.82
N HIS A 215 14.16 -2.24 -2.06
CA HIS A 215 14.84 -1.01 -2.47
C HIS A 215 14.46 -0.69 -3.92
N GLN A 216 14.36 0.58 -4.25
CA GLN A 216 14.15 0.98 -5.65
C GLN A 216 14.86 2.29 -5.94
N GLN A 217 15.48 2.36 -7.14
CA GLN A 217 16.02 3.60 -7.62
C GLN A 217 15.43 3.88 -8.95
N ILE A 218 15.16 5.14 -9.23
CA ILE A 218 14.67 5.57 -10.52
C ILE A 218 15.67 6.58 -11.05
N LEU A 219 16.19 6.32 -12.26
CA LEU A 219 17.29 7.08 -12.76
C LEU A 219 16.81 7.83 -14.00
N PHE A 220 16.88 9.16 -13.95
CA PHE A 220 16.43 10.03 -15.06
C PHE A 220 17.67 10.65 -15.70
N GLY A 221 17.90 10.39 -16.97
CA GLY A 221 19.03 10.90 -17.63
C GLY A 221 18.65 12.13 -18.44
N GLY A 222 19.61 12.95 -18.71
CA GLY A 222 19.46 14.03 -19.68
C GLY A 222 20.86 14.50 -19.96
N GLU A 223 21.01 15.47 -20.88
CA GLU A 223 22.34 15.99 -21.22
C GLU A 223 23.09 16.50 -20.02
N GLY A 224 24.28 16.00 -19.78
CA GLY A 224 25.10 16.49 -18.74
C GLY A 224 24.66 16.28 -17.32
N GLN A 225 23.67 15.40 -17.07
CA GLN A 225 23.10 15.28 -15.69
C GLN A 225 22.42 14.00 -15.43
N LEU A 226 22.26 13.67 -14.15
CA LEU A 226 21.47 12.51 -13.74
C LEU A 226 20.63 12.95 -12.54
N PHE A 227 19.34 12.63 -12.52
CA PHE A 227 18.47 12.94 -11.42
C PHE A 227 17.88 11.62 -10.92
N THR A 228 18.07 11.29 -9.64
CA THR A 228 17.74 9.97 -9.15
C THR A 228 16.81 10.12 -7.95
N LEU A 229 15.79 9.25 -7.92
CA LEU A 229 14.92 9.13 -6.73
C LEU A 229 15.13 7.74 -6.17
N ARG A 230 15.27 7.56 -4.85
CA ARG A 230 15.51 6.23 -4.27
C ARG A 230 14.72 6.03 -2.98
N HIS A 231 14.24 4.81 -2.80
CA HIS A 231 13.55 4.44 -1.56
C HIS A 231 14.21 3.17 -1.07
N ASP A 232 14.52 3.15 0.22
CA ASP A 232 15.07 1.93 0.87
C ASP A 232 14.07 1.58 2.04
N SER A 233 13.62 0.35 2.11
CA SER A 233 12.69 -0.08 3.23
C SER A 233 13.51 -1.13 3.94
N TYR A 234 13.76 -0.98 5.21
CA TYR A 234 14.58 -1.88 5.95
C TYR A 234 13.63 -2.84 6.73
N ASN A 235 12.42 -2.44 6.99
CA ASN A 235 11.49 -3.30 7.72
C ASN A 235 10.07 -2.78 7.54
N ARG A 236 9.08 -3.50 8.09
CA ARG A 236 7.68 -3.11 7.83
C ARG A 236 7.23 -1.86 8.58
N GLN A 237 8.09 -1.27 9.44
CA GLN A 237 7.80 0.05 9.93
C GLN A 237 7.78 1.11 8.82
N SER A 238 8.37 0.81 7.67
CA SER A 238 8.34 1.71 6.51
C SER A 238 6.92 2.08 6.02
N PHE A 239 5.98 1.18 6.28
CA PHE A 239 4.61 1.39 5.87
C PHE A 239 3.80 2.18 6.88
N MET A 240 4.32 2.37 8.07
CA MET A 240 3.49 2.93 9.14
C MET A 240 3.22 4.42 9.07
N SER A 241 4.10 5.27 8.48
CA SER A 241 3.67 6.67 8.42
C SER A 241 2.55 6.83 7.40
N GLY A 242 2.39 5.96 6.37
CA GLY A 242 1.20 5.98 5.54
C GLY A 242 -0.09 5.54 6.23
N VAL A 243 0.09 4.56 7.10
CA VAL A 243 -1.09 4.09 7.93
C VAL A 243 -1.57 5.29 8.78
N THR A 244 -0.61 5.92 9.49
CA THR A 244 -0.91 7.10 10.31
C THR A 244 -1.56 8.24 9.51
N PHE A 245 -0.95 8.59 8.37
CA PHE A 245 -1.49 9.65 7.51
C PHE A 245 -2.89 9.30 7.04
N SER A 246 -3.11 8.06 6.61
CA SER A 246 -4.44 7.65 6.11
C SER A 246 -5.54 7.75 7.14
N ILE A 247 -5.25 7.29 8.32
CA ILE A 247 -6.23 7.37 9.46
C ILE A 247 -6.54 8.82 9.78
N ASN A 248 -5.53 9.70 9.87
CA ASN A 248 -5.75 11.13 10.04
C ASN A 248 -6.55 11.77 8.93
N GLN A 249 -6.19 11.48 7.70
CA GLN A 249 -6.80 12.16 6.56
C GLN A 249 -8.19 11.64 6.21
N VAL A 250 -8.48 10.36 6.52
CA VAL A 250 -9.79 9.85 6.16
C VAL A 250 -10.88 10.63 6.91
N MET A 251 -10.55 11.12 8.11
CA MET A 251 -11.48 11.86 8.90
C MET A 251 -11.85 13.20 8.26
N GLU A 252 -11.03 13.70 7.36
CA GLU A 252 -11.14 15.05 6.81
C GLU A 252 -11.72 15.12 5.40
N ILE A 253 -11.87 13.99 4.76
CA ILE A 253 -12.35 13.94 3.37
C ILE A 253 -13.75 13.35 3.38
N LYS A 254 -14.46 13.50 2.26
CA LYS A 254 -15.87 13.15 2.21
C LYS A 254 -16.11 12.36 1.00
N GLU A 255 -15.15 11.56 0.54
CA GLU A 255 -15.31 10.73 -0.66
C GLU A 255 -14.22 9.62 -0.55
N LEU A 256 -14.25 8.69 -1.47
CA LEU A 256 -13.32 7.61 -1.53
C LEU A 256 -12.15 8.04 -2.37
N VAL A 257 -10.93 7.80 -1.88
CA VAL A 257 -9.70 8.09 -2.61
C VAL A 257 -8.96 6.81 -2.78
N TYR A 258 -8.60 6.46 -4.02
CA TYR A 258 -7.84 5.25 -4.28
C TYR A 258 -6.38 5.60 -4.60
N GLY A 259 -5.43 5.16 -3.76
CA GLY A 259 -4.01 5.44 -3.93
C GLY A 259 -3.55 6.69 -3.25
N LEU A 260 -2.55 6.55 -2.39
CA LEU A 260 -2.07 7.65 -1.57
C LEU A 260 -1.45 8.78 -2.38
N GLU A 261 -1.03 8.46 -3.60
CA GLU A 261 -0.50 9.52 -4.52
C GLU A 261 -1.50 10.59 -4.79
N ASN A 262 -2.75 10.21 -4.65
CA ASN A 262 -3.88 11.15 -4.84
C ASN A 262 -4.23 12.05 -3.68
N ILE A 263 -3.60 11.88 -2.53
CA ILE A 263 -3.80 12.78 -1.41
C ILE A 263 -2.54 13.29 -0.71
N LEU A 264 -1.36 12.69 -0.90
CA LEU A 264 -0.11 13.26 -0.35
C LEU A 264 0.35 14.63 -0.98
#